data_5W4N
#
_entry.id   5W4N
#
_cell.length_a   68.368
_cell.length_b   83.268
_cell.length_c   129.295
_cell.angle_alpha   90.000
_cell.angle_beta   90.000
_cell.angle_gamma   90.000
#
_symmetry.space_group_name_H-M   'P 21 21 21'
#
loop_
_entity.id
_entity.type
_entity.pdbx_description
1 polymer 'Transcriptional regulator'
2 non-polymer 'DIMETHYL SULFOXIDE'
3 non-polymer GLYCEROL
4 water water
#
_entity_poly.entity_id   1
_entity_poly.type   'polypeptide(L)'
_entity_poly.pdbx_seq_one_letter_code
;MDKELGKTLRRLRQGKQVSISSLADEHLSKSQISRFERGESEISSSRLLNLLDKLNITIDEFVSTHSKTHTHFFTLLSRV
RKYYAEKNVAKLLKLLEDYAHKDYESTMIKAILSSIEPTVEPSEEEVTRLTDYLFSVEQWGYYEIILLGNCSRFINYNTL
FLLTKEMVTSFAYSEQNKTNKTLVTQLSINCLIISIDYSYFDHSHYLIEKIEFLLRDELNFYEKTVFLYVHGYYKLKQGQ
VSGKDDMRQALQIFKYLGEDALYYSYKEHYRKEVLGDEEDEEEG
;
_entity_poly.pdbx_strand_id   A,B
#
loop_
_chem_comp.id
_chem_comp.type
_chem_comp.name
_chem_comp.formula
DMS non-polymer 'DIMETHYL SULFOXIDE' 'C2 H6 O S'
GOL non-polymer GLYCEROL 'C3 H8 O3'
#
# COMPACT_ATOMS: atom_id res chain seq x y z
N ASP A 2 -8.11 -10.10 -21.87
CA ASP A 2 -9.24 -9.78 -22.74
C ASP A 2 -10.52 -10.41 -22.20
N LYS A 3 -10.67 -11.72 -22.45
CA LYS A 3 -11.83 -12.44 -21.91
C LYS A 3 -11.76 -12.50 -20.39
N GLU A 4 -10.56 -12.66 -19.84
CA GLU A 4 -10.40 -12.64 -18.38
C GLU A 4 -10.67 -11.26 -17.82
N LEU A 5 -10.43 -10.20 -18.60
CA LEU A 5 -10.74 -8.86 -18.16
C LEU A 5 -12.24 -8.67 -17.95
N GLY A 6 -13.04 -9.16 -18.91
CA GLY A 6 -14.48 -9.10 -18.73
C GLY A 6 -14.97 -9.89 -17.53
N LYS A 7 -14.34 -11.04 -17.28
CA LYS A 7 -14.70 -11.84 -16.12
C LYS A 7 -14.39 -11.10 -14.82
N THR A 8 -13.27 -10.38 -14.79
CA THR A 8 -12.90 -9.63 -13.58
C THR A 8 -13.92 -8.54 -13.29
N LEU A 9 -14.36 -7.80 -14.33
CA LEU A 9 -15.28 -6.71 -14.09
C LEU A 9 -16.65 -7.21 -13.64
N ARG A 10 -17.08 -8.37 -14.15
CA ARG A 10 -18.39 -8.90 -13.75
C ARG A 10 -18.38 -9.29 -12.28
N ARG A 11 -17.37 -10.04 -11.84
CA ARG A 11 -17.32 -10.43 -10.44
C ARG A 11 -17.12 -9.23 -9.52
N LEU A 12 -16.42 -8.19 -10.00
CA LEU A 12 -16.30 -6.97 -9.23
C LEU A 12 -17.65 -6.25 -9.13
N ARG A 13 -18.38 -6.18 -10.25
CA ARG A 13 -19.70 -5.57 -10.21
C ARG A 13 -20.67 -6.41 -9.39
N GLN A 14 -20.58 -7.74 -9.51
CA GLN A 14 -21.43 -8.62 -8.71
C GLN A 14 -21.17 -8.44 -7.23
N GLY A 15 -19.89 -8.37 -6.83
CA GLY A 15 -19.57 -8.21 -5.43
C GLY A 15 -20.07 -6.91 -4.84
N LYS A 16 -20.16 -5.87 -5.67
CA LYS A 16 -20.69 -4.59 -5.23
C LYS A 16 -22.21 -4.51 -5.38
N GLN A 17 -22.86 -5.58 -5.85
CA GLN A 17 -24.31 -5.66 -5.97
C GLN A 17 -24.87 -4.52 -6.81
N VAL A 18 -24.23 -4.25 -7.95
CA VAL A 18 -24.60 -3.16 -8.84
C VAL A 18 -25.16 -3.77 -10.13
N SER A 19 -26.24 -3.17 -10.63
CA SER A 19 -26.82 -3.58 -11.91
C SER A 19 -26.14 -2.85 -13.06
N ILE A 20 -26.30 -3.41 -14.26
CA ILE A 20 -25.59 -2.86 -15.42
C ILE A 20 -26.25 -1.57 -15.91
N SER A 21 -27.56 -1.42 -15.74
CA SER A 21 -28.22 -0.20 -16.19
C SER A 21 -27.80 1.00 -15.37
N SER A 22 -27.46 0.80 -14.09
CA SER A 22 -26.97 1.91 -13.28
C SER A 22 -25.54 2.31 -13.66
N LEU A 23 -24.76 1.39 -14.23
CA LEU A 23 -23.44 1.73 -14.74
C LEU A 23 -23.50 2.35 -16.13
N ALA A 24 -24.55 2.07 -16.90
CA ALA A 24 -24.65 2.58 -18.25
C ALA A 24 -24.94 4.08 -18.25
N ASP A 25 -24.38 4.78 -19.24
CA ASP A 25 -24.69 6.18 -19.47
C ASP A 25 -24.74 6.38 -20.98
N GLU A 26 -24.73 7.65 -21.41
CA GLU A 26 -24.73 7.92 -22.84
C GLU A 26 -23.40 7.59 -23.50
N HIS A 27 -22.37 7.24 -22.72
CA HIS A 27 -21.09 6.80 -23.27
C HIS A 27 -21.03 5.30 -23.52
N LEU A 28 -21.84 4.50 -22.84
CA LEU A 28 -21.74 3.05 -22.90
C LEU A 28 -23.08 2.44 -22.52
N SER A 29 -23.68 1.69 -23.44
CA SER A 29 -24.99 1.11 -23.20
C SER A 29 -24.87 -0.13 -22.31
N LYS A 30 -26.00 -0.49 -21.70
CA LYS A 30 -26.03 -1.65 -20.80
C LYS A 30 -25.72 -2.94 -21.53
N SER A 31 -26.08 -3.02 -22.82
CA SER A 31 -25.83 -4.25 -23.57
C SER A 31 -24.36 -4.45 -23.85
N GLN A 32 -23.61 -3.35 -24.07
CA GLN A 32 -22.18 -3.49 -24.31
C GLN A 32 -21.43 -3.86 -23.03
N ILE A 33 -21.91 -3.39 -21.87
CA ILE A 33 -21.33 -3.83 -20.60
C ILE A 33 -21.50 -5.35 -20.48
N SER A 34 -22.67 -5.85 -20.84
CA SER A 34 -22.91 -7.30 -20.81
C SER A 34 -21.96 -8.03 -21.73
N ARG A 35 -21.89 -7.60 -23.00
CA ARG A 35 -21.00 -8.25 -23.96
C ARG A 35 -19.54 -8.17 -23.53
N PHE A 36 -19.14 -7.08 -22.89
CA PHE A 36 -17.77 -6.95 -22.41
C PHE A 36 -17.48 -7.96 -21.29
N GLU A 37 -18.38 -8.03 -20.31
CA GLU A 37 -18.20 -9.00 -19.22
C GLU A 37 -18.18 -10.43 -19.76
N ARG A 38 -18.94 -10.70 -20.82
CA ARG A 38 -18.95 -12.01 -21.45
C ARG A 38 -17.78 -12.22 -22.40
N GLY A 39 -16.94 -11.21 -22.61
CA GLY A 39 -15.82 -11.35 -23.52
C GLY A 39 -16.19 -11.34 -24.98
N GLU A 40 -17.34 -10.75 -25.33
CA GLU A 40 -17.80 -10.72 -26.72
C GLU A 40 -17.69 -9.35 -27.34
N SER A 41 -17.18 -8.36 -26.61
CA SER A 41 -17.00 -7.02 -27.15
C SER A 41 -15.99 -6.28 -26.29
N GLU A 42 -15.35 -5.28 -26.89
CA GLU A 42 -14.37 -4.45 -26.21
C GLU A 42 -15.02 -3.17 -25.69
N ILE A 43 -14.32 -2.53 -24.76
CA ILE A 43 -14.64 -1.17 -24.33
C ILE A 43 -13.34 -0.38 -24.30
N SER A 44 -13.47 0.93 -24.47
CA SER A 44 -12.29 1.79 -24.46
C SER A 44 -11.69 1.83 -23.06
N SER A 45 -10.42 2.23 -23.00
CA SER A 45 -9.72 2.26 -21.72
C SER A 45 -10.37 3.24 -20.75
N SER A 46 -10.80 4.40 -21.25
CA SER A 46 -11.48 5.37 -20.38
C SER A 46 -12.81 4.82 -19.88
N ARG A 47 -13.48 3.98 -20.68
CA ARG A 47 -14.72 3.36 -20.21
C ARG A 47 -14.45 2.39 -19.07
N LEU A 48 -13.36 1.63 -19.15
CA LEU A 48 -13.00 0.72 -18.05
C LEU A 48 -12.72 1.50 -16.77
N LEU A 49 -11.92 2.56 -16.88
CA LEU A 49 -11.60 3.38 -15.71
C LEU A 49 -12.85 3.98 -15.10
N ASN A 50 -13.75 4.47 -15.95
CA ASN A 50 -15.01 5.04 -15.44
C ASN A 50 -15.87 3.98 -14.77
N LEU A 51 -15.85 2.75 -15.30
CA LEU A 51 -16.62 1.68 -14.68
C LEU A 51 -16.11 1.37 -13.28
N LEU A 52 -14.80 1.24 -13.12
CA LEU A 52 -14.22 0.96 -11.81
C LEU A 52 -14.57 2.05 -10.81
N ASP A 53 -14.49 3.32 -11.24
CA ASP A 53 -14.81 4.44 -10.36
C ASP A 53 -16.30 4.41 -9.97
N LYS A 54 -17.18 4.15 -10.94
CA LYS A 54 -18.60 4.02 -10.65
C LYS A 54 -18.87 2.89 -9.65
N LEU A 55 -18.08 1.82 -9.72
CA LEU A 55 -18.22 0.70 -8.79
C LEU A 55 -17.55 0.98 -7.44
N ASN A 56 -16.87 2.11 -7.29
CA ASN A 56 -16.14 2.44 -6.07
C ASN A 56 -15.06 1.39 -5.78
N ILE A 57 -14.37 0.96 -6.83
CA ILE A 57 -13.26 0.03 -6.74
C ILE A 57 -11.99 0.80 -7.07
N THR A 58 -11.05 0.84 -6.12
CA THR A 58 -9.80 1.55 -6.37
C THR A 58 -8.98 0.82 -7.42
N ILE A 59 -8.14 1.59 -8.14
CA ILE A 59 -7.27 0.98 -9.14
C ILE A 59 -6.30 0.02 -8.47
N ASP A 60 -5.92 0.30 -7.22
CA ASP A 60 -5.10 -0.63 -6.45
C ASP A 60 -5.83 -1.96 -6.25
N GLU A 61 -7.13 -1.91 -5.97
CA GLU A 61 -7.91 -3.14 -5.84
C GLU A 61 -7.91 -3.93 -7.14
N PHE A 62 -8.02 -3.24 -8.28
CA PHE A 62 -7.98 -3.91 -9.57
C PHE A 62 -6.62 -4.55 -9.82
N VAL A 63 -5.54 -3.88 -9.40
CA VAL A 63 -4.19 -4.42 -9.57
C VAL A 63 -4.06 -5.75 -8.82
N SER A 64 -4.50 -5.77 -7.56
CA SER A 64 -4.34 -6.96 -6.73
C SER A 64 -5.26 -8.09 -7.17
N THR A 65 -6.42 -7.77 -7.73
CA THR A 65 -7.38 -8.79 -8.13
C THR A 65 -7.20 -9.25 -9.57
N HIS A 66 -6.48 -8.49 -10.40
CA HIS A 66 -6.32 -8.84 -11.81
C HIS A 66 -4.88 -8.81 -12.25
N SER A 67 -4.23 -7.65 -12.14
CA SER A 67 -2.88 -7.49 -12.66
C SER A 67 -1.87 -8.40 -11.95
N LYS A 68 -2.14 -8.73 -10.67
CA LYS A 68 -1.18 -9.51 -9.90
C LYS A 68 -0.92 -10.88 -10.51
N THR A 69 -1.94 -11.47 -11.16
CA THR A 69 -1.80 -12.80 -11.76
C THR A 69 -1.93 -12.76 -13.28
N HIS A 70 -1.86 -11.57 -13.90
CA HIS A 70 -2.02 -11.46 -15.34
C HIS A 70 -0.98 -10.56 -16.00
N THR A 71 0.11 -10.22 -15.30
CA THR A 71 1.17 -9.39 -15.87
C THR A 71 2.51 -10.10 -15.71
N HIS A 72 3.44 -9.77 -16.60
CA HIS A 72 4.71 -10.49 -16.64
C HIS A 72 5.53 -10.26 -15.38
N PHE A 73 5.69 -9.00 -14.96
CA PHE A 73 6.58 -8.70 -13.85
C PHE A 73 6.05 -9.24 -12.53
N PHE A 74 4.73 -9.15 -12.31
CA PHE A 74 4.16 -9.63 -11.06
C PHE A 74 4.31 -11.14 -10.93
N THR A 75 4.00 -11.87 -12.01
CA THR A 75 4.17 -13.33 -11.97
C THR A 75 5.64 -13.72 -11.84
N LEU A 76 6.54 -12.93 -12.41
CA LEU A 76 7.97 -13.21 -12.25
C LEU A 76 8.40 -13.06 -10.80
N LEU A 77 7.99 -11.96 -10.15
CA LEU A 77 8.37 -11.74 -8.76
C LEU A 77 7.82 -12.83 -7.86
N SER A 78 6.58 -13.27 -8.11
CA SER A 78 5.99 -14.32 -7.29
C SER A 78 6.74 -15.63 -7.44
N ARG A 79 7.31 -15.89 -8.63
CA ARG A 79 8.12 -17.09 -8.81
C ARG A 79 9.49 -16.94 -8.15
N VAL A 80 10.09 -15.75 -8.25
CA VAL A 80 11.40 -15.53 -7.63
C VAL A 80 11.30 -15.66 -6.12
N ARG A 81 10.26 -15.06 -5.53
CA ARG A 81 10.07 -15.15 -4.08
C ARG A 81 9.90 -16.60 -3.64
N LYS A 82 9.16 -17.40 -4.42
CA LYS A 82 8.95 -18.79 -4.05
C LYS A 82 10.25 -19.60 -4.14
N TYR A 83 10.96 -19.48 -5.26
CA TYR A 83 12.17 -20.26 -5.45
C TYR A 83 13.29 -19.81 -4.52
N TYR A 84 13.37 -18.52 -4.22
CA TYR A 84 14.39 -18.04 -3.28
C TYR A 84 14.11 -18.54 -1.87
N ALA A 85 12.83 -18.56 -1.48
CA ALA A 85 12.48 -19.07 -0.16
C ALA A 85 12.86 -20.54 0.00
N GLU A 86 12.75 -21.31 -1.07
CA GLU A 86 13.15 -22.72 -1.06
C GLU A 86 14.62 -22.93 -1.36
N LYS A 87 15.36 -21.85 -1.66
CA LYS A 87 16.76 -21.95 -2.09
C LYS A 87 16.90 -22.83 -3.32
N ASN A 88 15.84 -22.90 -4.13
CA ASN A 88 15.79 -23.78 -5.30
C ASN A 88 16.56 -23.11 -6.44
N VAL A 89 17.88 -23.34 -6.44
CA VAL A 89 18.73 -22.78 -7.48
C VAL A 89 18.38 -23.34 -8.83
N ALA A 90 17.91 -24.60 -8.88
CA ALA A 90 17.55 -25.21 -10.16
C ALA A 90 16.38 -24.49 -10.81
N LYS A 91 15.33 -24.22 -10.03
CA LYS A 91 14.17 -23.52 -10.57
C LYS A 91 14.48 -22.07 -10.89
N LEU A 92 15.50 -21.48 -10.27
CA LEU A 92 15.83 -20.08 -10.52
C LEU A 92 16.55 -19.91 -11.85
N LEU A 93 17.40 -20.87 -12.23
CA LEU A 93 18.11 -20.76 -13.51
C LEU A 93 17.19 -21.10 -14.69
N LYS A 94 16.28 -22.05 -14.52
CA LYS A 94 15.25 -22.28 -15.54
C LYS A 94 14.42 -21.02 -15.74
N LEU A 95 14.11 -20.32 -14.65
CA LEU A 95 13.50 -19.00 -14.76
C LEU A 95 14.38 -18.06 -15.58
N LEU A 96 15.68 -18.01 -15.27
CA LEU A 96 16.57 -17.10 -15.97
C LEU A 96 16.66 -17.45 -17.46
N GLU A 97 16.69 -18.73 -17.80
CA GLU A 97 16.71 -19.11 -19.21
C GLU A 97 15.42 -18.73 -19.90
N ASP A 98 14.29 -18.79 -19.19
CA ASP A 98 13.02 -18.33 -19.77
C ASP A 98 13.00 -16.82 -19.92
N TYR A 99 13.76 -16.09 -19.10
CA TYR A 99 13.83 -14.63 -19.17
C TYR A 99 15.18 -14.16 -19.71
N ALA A 100 15.92 -15.05 -20.37
CA ALA A 100 17.24 -14.67 -20.89
C ALA A 100 17.13 -13.58 -21.94
N HIS A 101 16.05 -13.58 -22.73
CA HIS A 101 15.86 -12.51 -23.71
C HIS A 101 15.50 -11.20 -23.03
N LYS A 102 14.80 -11.25 -21.90
CA LYS A 102 14.49 -10.05 -21.13
C LYS A 102 15.76 -9.59 -20.40
N ASP A 103 16.27 -8.42 -20.77
CA ASP A 103 17.58 -8.00 -20.29
C ASP A 103 17.54 -7.66 -18.81
N TYR A 104 16.76 -6.64 -18.43
CA TYR A 104 16.78 -6.16 -17.05
C TYR A 104 16.28 -7.22 -16.08
N GLU A 105 15.29 -8.02 -16.51
CA GLU A 105 14.79 -9.09 -15.65
C GLU A 105 15.87 -10.14 -15.40
N SER A 106 16.60 -10.53 -16.44
CA SER A 106 17.66 -11.52 -16.27
C SER A 106 18.77 -10.98 -15.38
N THR A 107 19.11 -9.70 -15.55
CA THR A 107 20.12 -9.07 -14.69
C THR A 107 19.71 -9.16 -13.23
N MET A 108 18.44 -8.90 -12.93
CA MET A 108 17.97 -8.96 -11.55
C MET A 108 17.97 -10.40 -11.04
N ILE A 109 17.57 -11.35 -11.88
CA ILE A 109 17.59 -12.76 -11.47
C ILE A 109 19.01 -13.20 -11.13
N LYS A 110 19.98 -12.81 -11.96
CA LYS A 110 21.37 -13.15 -11.67
C LYS A 110 21.87 -12.45 -10.41
N ALA A 111 21.44 -11.21 -10.18
CA ALA A 111 21.83 -10.49 -8.97
C ALA A 111 21.27 -11.16 -7.73
N ILE A 112 20.06 -11.71 -7.82
CA ILE A 112 19.47 -12.40 -6.67
C ILE A 112 20.08 -13.79 -6.50
N LEU A 113 20.37 -14.47 -7.61
CA LEU A 113 21.00 -15.78 -7.54
C LEU A 113 22.41 -15.70 -6.94
N SER A 114 23.05 -14.53 -7.03
CA SER A 114 24.41 -14.40 -6.51
C SER A 114 24.47 -14.53 -5.00
N SER A 115 23.39 -14.13 -4.31
CA SER A 115 23.37 -14.22 -2.86
C SER A 115 23.36 -15.66 -2.36
N ILE A 116 23.00 -16.62 -3.20
CA ILE A 116 23.00 -18.03 -2.84
C ILE A 116 24.03 -18.82 -3.64
N GLU A 117 24.17 -18.52 -4.93
CA GLU A 117 25.15 -19.18 -5.80
C GLU A 117 26.09 -18.11 -6.33
N PRO A 118 27.25 -17.90 -5.69
CA PRO A 118 28.14 -16.80 -6.09
C PRO A 118 28.84 -17.00 -7.42
N THR A 119 28.66 -18.14 -8.09
CA THR A 119 29.22 -18.28 -9.44
C THR A 119 28.41 -17.49 -10.47
N VAL A 120 27.20 -17.09 -10.13
CA VAL A 120 26.34 -16.31 -11.01
C VAL A 120 26.46 -14.84 -10.63
N GLU A 121 26.79 -13.99 -11.60
CA GLU A 121 26.90 -12.57 -11.39
C GLU A 121 26.52 -11.86 -12.68
N PRO A 122 25.79 -10.75 -12.60
CA PRO A 122 25.56 -9.95 -13.80
C PRO A 122 26.86 -9.34 -14.30
N SER A 123 27.02 -9.32 -15.62
CA SER A 123 28.23 -8.75 -16.19
C SER A 123 28.24 -7.23 -16.01
N GLU A 124 29.44 -6.65 -16.14
CA GLU A 124 29.55 -5.21 -16.05
C GLU A 124 28.82 -4.51 -17.18
N GLU A 125 28.68 -5.18 -18.32
CA GLU A 125 27.87 -4.62 -19.41
C GLU A 125 26.39 -4.68 -19.10
N GLU A 126 25.96 -5.67 -18.31
CA GLU A 126 24.55 -5.76 -17.93
C GLU A 126 24.18 -4.67 -16.93
N VAL A 127 25.07 -4.41 -15.96
CA VAL A 127 24.81 -3.38 -14.97
C VAL A 127 24.78 -2.00 -15.61
N THR A 128 25.68 -1.76 -16.57
CA THR A 128 25.73 -0.46 -17.24
C THR A 128 24.44 -0.19 -18.01
N ARG A 129 23.91 -1.21 -18.70
CA ARG A 129 22.62 -1.05 -19.37
C ARG A 129 21.50 -0.81 -18.37
N LEU A 130 21.56 -1.47 -17.21
CA LEU A 130 20.54 -1.28 -16.18
C LEU A 130 20.59 0.14 -15.62
N THR A 131 21.78 0.63 -15.31
CA THR A 131 21.89 1.98 -14.72
C THR A 131 21.61 3.05 -15.77
N ASP A 132 22.01 2.82 -17.03
CA ASP A 132 21.57 3.68 -18.12
C ASP A 132 20.05 3.82 -18.12
N TYR A 133 19.36 2.68 -18.06
CA TYR A 133 17.90 2.67 -18.07
C TYR A 133 17.35 3.44 -16.88
N LEU A 134 17.83 3.13 -15.68
CA LEU A 134 17.31 3.78 -14.48
C LEU A 134 17.63 5.26 -14.44
N PHE A 135 18.77 5.67 -14.99
CA PHE A 135 19.12 7.09 -15.05
C PHE A 135 18.23 7.86 -16.01
N SER A 136 17.55 7.18 -16.94
CA SER A 136 16.91 7.83 -18.07
C SER A 136 15.38 7.76 -18.05
N VAL A 137 14.79 7.07 -17.07
CA VAL A 137 13.33 6.90 -17.08
C VAL A 137 12.65 8.23 -16.76
N GLU A 138 11.40 8.36 -17.21
CA GLU A 138 10.61 9.54 -16.88
C GLU A 138 10.20 9.55 -15.42
N GLN A 139 9.90 8.38 -14.87
CA GLN A 139 9.51 8.27 -13.47
C GLN A 139 9.89 6.87 -12.97
N TRP A 140 10.06 6.76 -11.66
CA TRP A 140 10.41 5.50 -11.02
C TRP A 140 9.13 4.84 -10.53
N GLY A 141 8.69 3.81 -11.25
CA GLY A 141 7.60 2.96 -10.81
C GLY A 141 8.10 1.78 -10.02
N TYR A 142 7.16 0.89 -9.67
CA TYR A 142 7.48 -0.32 -8.94
C TYR A 142 8.58 -1.12 -9.63
N TYR A 143 8.49 -1.26 -10.95
CA TYR A 143 9.48 -1.98 -11.73
C TYR A 143 10.89 -1.43 -11.49
N GLU A 144 11.04 -0.10 -11.62
CA GLU A 144 12.36 0.50 -11.47
C GLU A 144 12.86 0.39 -10.03
N ILE A 145 11.98 0.59 -9.05
CA ILE A 145 12.38 0.53 -7.65
C ILE A 145 12.82 -0.88 -7.28
N ILE A 146 12.08 -1.89 -7.73
CA ILE A 146 12.43 -3.28 -7.43
C ILE A 146 13.75 -3.65 -8.10
N LEU A 147 13.99 -3.14 -9.30
CA LEU A 147 15.24 -3.42 -9.99
C LEU A 147 16.43 -2.87 -9.21
N LEU A 148 16.35 -1.61 -8.78
CA LEU A 148 17.45 -1.00 -8.04
C LEU A 148 17.69 -1.72 -6.71
N GLY A 149 16.62 -2.03 -5.98
CA GLY A 149 16.77 -2.64 -4.69
C GLY A 149 17.43 -4.02 -4.75
N ASN A 150 17.08 -4.80 -5.77
CA ASN A 150 17.61 -6.16 -5.90
C ASN A 150 18.98 -6.23 -6.57
N CYS A 151 19.39 -5.17 -7.26
CA CYS A 151 20.66 -5.15 -7.98
C CYS A 151 21.69 -4.23 -7.35
N SER A 152 21.38 -3.61 -6.21
CA SER A 152 22.25 -2.58 -5.65
C SER A 152 23.62 -3.11 -5.24
N ARG A 153 23.74 -4.43 -5.00
CA ARG A 153 25.04 -4.99 -4.62
C ARG A 153 26.06 -4.90 -5.75
N PHE A 154 25.60 -4.81 -7.00
CA PHE A 154 26.48 -4.75 -8.17
C PHE A 154 26.60 -3.35 -8.75
N ILE A 155 26.22 -2.34 -7.99
CA ILE A 155 26.32 -0.94 -8.41
C ILE A 155 27.27 -0.23 -7.46
N ASN A 156 28.27 0.45 -8.02
CA ASN A 156 29.21 1.19 -7.19
C ASN A 156 28.49 2.27 -6.39
N TYR A 157 29.07 2.62 -5.24
CA TYR A 157 28.36 3.47 -4.28
C TYR A 157 27.96 4.81 -4.90
N ASN A 158 28.87 5.44 -5.65
CA ASN A 158 28.60 6.77 -6.18
C ASN A 158 27.42 6.74 -7.15
N THR A 159 27.34 5.71 -7.99
CA THR A 159 26.18 5.58 -8.88
C THR A 159 24.92 5.25 -8.08
N LEU A 160 25.04 4.39 -7.07
CA LEU A 160 23.89 4.05 -6.25
C LEU A 160 23.31 5.28 -5.57
N PHE A 161 24.17 6.15 -5.04
CA PHE A 161 23.69 7.37 -4.41
C PHE A 161 23.02 8.29 -5.43
N LEU A 162 23.65 8.47 -6.59
CA LEU A 162 23.08 9.35 -7.61
C LEU A 162 21.77 8.80 -8.13
N LEU A 163 21.67 7.48 -8.30
CA LEU A 163 20.40 6.87 -8.66
C LEU A 163 19.36 7.06 -7.57
N THR A 164 19.78 6.95 -6.31
CA THR A 164 18.86 7.12 -5.19
C THR A 164 18.31 8.55 -5.16
N LYS A 165 19.17 9.53 -5.43
CA LYS A 165 18.72 10.92 -5.53
C LYS A 165 17.60 11.07 -6.57
N GLU A 166 17.82 10.49 -7.75
CA GLU A 166 16.83 10.61 -8.82
C GLU A 166 15.55 9.86 -8.47
N MET A 167 15.68 8.70 -7.83
CA MET A 167 14.50 7.92 -7.46
C MET A 167 13.61 8.68 -6.48
N VAL A 168 14.22 9.28 -5.45
CA VAL A 168 13.47 10.04 -4.47
C VAL A 168 12.76 11.21 -5.14
N THR A 169 13.38 11.80 -6.15
CA THR A 169 12.81 12.99 -6.79
C THR A 169 11.67 12.63 -7.74
N SER A 170 11.72 11.45 -8.38
CA SER A 170 10.85 11.19 -9.51
C SER A 170 10.08 9.87 -9.40
N PHE A 171 9.76 9.41 -8.18
CA PHE A 171 9.02 8.16 -8.09
C PHE A 171 7.53 8.39 -8.27
N ALA A 172 6.86 7.41 -8.86
CA ALA A 172 5.43 7.48 -9.14
C ALA A 172 4.66 7.32 -7.83
N TYR A 173 3.97 8.37 -7.41
CA TYR A 173 3.36 8.45 -6.09
C TYR A 173 1.84 8.32 -6.22
N SER A 174 1.27 7.41 -5.45
CA SER A 174 -0.18 7.22 -5.37
C SER A 174 -0.60 7.45 -3.93
N GLU A 175 -1.49 8.43 -3.71
CA GLU A 175 -1.93 8.71 -2.34
C GLU A 175 -2.71 7.55 -1.75
N GLN A 176 -3.51 6.86 -2.56
CA GLN A 176 -4.32 5.77 -2.03
C GLN A 176 -3.49 4.58 -1.61
N ASN A 177 -2.37 4.31 -2.30
CA ASN A 177 -1.61 3.09 -2.12
C ASN A 177 -0.38 3.27 -1.22
N LYS A 178 0.54 4.15 -1.62
CA LYS A 178 1.80 4.45 -0.93
C LYS A 178 2.78 3.29 -0.92
N THR A 179 2.59 2.28 -1.77
CA THR A 179 3.54 1.18 -1.84
C THR A 179 4.88 1.64 -2.37
N ASN A 180 4.88 2.41 -3.46
CA ASN A 180 6.14 2.89 -4.03
C ASN A 180 6.86 3.82 -3.06
N LYS A 181 6.12 4.73 -2.43
CA LYS A 181 6.74 5.66 -1.49
C LYS A 181 7.40 4.92 -0.33
N THR A 182 6.77 3.85 0.15
CA THR A 182 7.35 3.06 1.23
C THR A 182 8.63 2.37 0.78
N LEU A 183 8.62 1.79 -0.43
CA LEU A 183 9.82 1.16 -0.95
C LEU A 183 10.95 2.16 -1.14
N VAL A 184 10.63 3.35 -1.64
CA VAL A 184 11.65 4.38 -1.82
C VAL A 184 12.24 4.80 -0.48
N THR A 185 11.39 4.89 0.55
CA THR A 185 11.89 5.20 1.89
C THR A 185 12.86 4.15 2.38
N GLN A 186 12.56 2.87 2.13
CA GLN A 186 13.45 1.80 2.58
C GLN A 186 14.78 1.83 1.84
N LEU A 187 14.73 1.98 0.51
CA LEU A 187 15.97 2.03 -0.26
C LEU A 187 16.80 3.26 0.08
N SER A 188 16.15 4.37 0.40
CA SER A 188 16.88 5.56 0.84
C SER A 188 17.58 5.32 2.17
N ILE A 189 16.91 4.61 3.08
CA ILE A 189 17.54 4.28 4.36
C ILE A 189 18.70 3.31 4.15
N ASN A 190 18.55 2.37 3.22
CA ASN A 190 19.63 1.43 2.92
C ASN A 190 20.84 2.16 2.37
N CYS A 191 20.62 3.13 1.46
CA CYS A 191 21.72 3.93 0.95
C CYS A 191 22.32 4.81 2.04
N LEU A 192 21.50 5.25 3.01
CA LEU A 192 22.02 6.02 4.12
C LEU A 192 23.01 5.21 4.96
N ILE A 193 22.68 3.95 5.23
CA ILE A 193 23.58 3.08 5.99
C ILE A 193 24.93 2.97 5.30
N ILE A 194 24.91 2.76 3.98
CA ILE A 194 26.16 2.62 3.22
C ILE A 194 26.95 3.92 3.24
N SER A 195 26.25 5.06 3.12
CA SER A 195 26.93 6.35 3.15
C SER A 195 27.63 6.58 4.48
N ILE A 196 27.07 6.07 5.58
CA ILE A 196 27.70 6.27 6.88
C ILE A 196 28.91 5.37 7.03
N ASP A 197 28.80 4.11 6.59
CA ASP A 197 29.94 3.19 6.71
C ASP A 197 31.12 3.66 5.89
N TYR A 198 30.87 4.17 4.68
CA TYR A 198 31.94 4.69 3.83
C TYR A 198 32.36 6.11 4.20
N SER A 199 31.76 6.68 5.24
CA SER A 199 32.14 7.99 5.77
C SER A 199 31.95 9.09 4.72
N TYR A 200 30.80 9.08 4.07
CA TYR A 200 30.42 10.13 3.13
C TYR A 200 29.21 10.86 3.70
N PHE A 201 29.48 11.68 4.71
CA PHE A 201 28.42 12.24 5.55
C PHE A 201 27.65 13.37 4.87
N ASP A 202 28.21 13.97 3.81
CA ASP A 202 27.43 14.93 3.04
C ASP A 202 26.29 14.23 2.31
N HIS A 203 26.57 13.05 1.74
CA HIS A 203 25.51 12.22 1.20
C HIS A 203 24.53 11.81 2.30
N SER A 204 25.05 11.50 3.49
CA SER A 204 24.21 11.07 4.60
C SER A 204 23.23 12.17 4.99
N HIS A 205 23.74 13.39 5.20
CA HIS A 205 22.88 14.49 5.62
C HIS A 205 21.80 14.80 4.57
N TYR A 206 22.11 14.61 3.29
CA TYR A 206 21.10 14.79 2.25
C TYR A 206 20.01 13.73 2.37
N LEU A 207 20.41 12.46 2.50
CA LEU A 207 19.43 11.38 2.60
C LEU A 207 18.58 11.52 3.85
N ILE A 208 19.18 11.97 4.96
CA ILE A 208 18.45 12.14 6.20
C ILE A 208 17.30 13.12 6.01
N GLU A 209 17.58 14.25 5.35
CA GLU A 209 16.54 15.24 5.11
C GLU A 209 15.43 14.70 4.21
N LYS A 210 15.81 13.88 3.22
CA LYS A 210 14.82 13.30 2.33
C LYS A 210 13.97 12.25 3.05
N ILE A 211 14.61 11.42 3.88
CA ILE A 211 13.88 10.39 4.60
C ILE A 211 12.90 11.00 5.59
N GLU A 212 13.33 12.05 6.30
CA GLU A 212 12.42 12.76 7.20
C GLU A 212 11.21 13.30 6.43
N PHE A 213 11.43 13.81 5.23
CA PHE A 213 10.32 14.27 4.40
C PHE A 213 9.43 13.11 3.98
N LEU A 214 10.02 11.97 3.63
CA LEU A 214 9.24 10.82 3.19
C LEU A 214 8.41 10.23 4.33
N LEU A 215 8.88 10.36 5.56
CA LEU A 215 8.17 9.83 6.73
C LEU A 215 7.14 10.79 7.28
N ARG A 216 7.13 12.04 6.82
CA ARG A 216 6.18 13.02 7.30
C ARG A 216 4.76 12.67 6.83
N ASP A 217 3.80 12.84 7.73
CA ASP A 217 2.38 12.57 7.46
C ASP A 217 2.15 11.12 7.06
N GLU A 218 3.00 10.21 7.51
CA GLU A 218 2.84 8.79 7.28
C GLU A 218 2.95 8.04 8.60
N LEU A 219 2.48 6.80 8.59
CA LEU A 219 2.69 5.90 9.72
C LEU A 219 4.09 5.30 9.60
N ASN A 220 4.18 4.13 8.97
CA ASN A 220 5.47 3.50 8.63
C ASN A 220 6.38 3.42 9.86
N PHE A 221 5.86 2.77 10.91
CA PHE A 221 6.61 2.69 12.16
C PHE A 221 7.86 1.84 12.01
N TYR A 222 7.85 0.85 11.10
CA TYR A 222 9.05 0.06 10.87
C TYR A 222 10.17 0.91 10.29
N GLU A 223 9.85 1.68 9.24
CA GLU A 223 10.86 2.55 8.63
C GLU A 223 11.33 3.60 9.62
N LYS A 224 10.43 4.13 10.44
CA LYS A 224 10.83 5.09 11.46
C LYS A 224 11.71 4.44 12.52
N THR A 225 11.43 3.19 12.87
CA THR A 225 12.25 2.50 13.86
C THR A 225 13.65 2.23 13.32
N VAL A 226 13.73 1.80 12.06
CA VAL A 226 15.04 1.60 11.43
C VAL A 226 15.75 2.94 11.27
N PHE A 227 15.01 3.98 10.86
CA PHE A 227 15.61 5.30 10.70
C PHE A 227 16.11 5.84 12.03
N LEU A 228 15.38 5.58 13.12
CA LEU A 228 15.84 6.00 14.43
C LEU A 228 17.20 5.40 14.77
N TYR A 229 17.39 4.11 14.46
CA TYR A 229 18.68 3.48 14.68
C TYR A 229 19.75 4.07 13.77
N VAL A 230 19.48 4.11 12.47
CA VAL A 230 20.49 4.53 11.49
C VAL A 230 20.85 6.00 11.69
N HIS A 231 19.86 6.83 12.02
CA HIS A 231 20.14 8.22 12.32
C HIS A 231 20.99 8.36 13.58
N GLY A 232 20.73 7.51 14.59
CA GLY A 232 21.57 7.51 15.78
C GLY A 232 22.98 7.02 15.50
N TYR A 233 23.13 6.10 14.55
CA TYR A 233 24.46 5.68 14.14
C TYR A 233 25.19 6.79 13.41
N TYR A 234 24.46 7.58 12.61
CA TYR A 234 25.05 8.75 11.97
C TYR A 234 25.49 9.78 13.00
N LYS A 235 24.66 10.02 14.02
CA LYS A 235 25.01 10.98 15.05
C LYS A 235 26.25 10.53 15.82
N LEU A 236 26.32 9.24 16.17
CA LEU A 236 27.49 8.74 16.89
C LEU A 236 28.75 8.89 16.06
N LYS A 237 28.67 8.62 14.76
CA LYS A 237 29.85 8.74 13.89
C LYS A 237 30.24 10.19 13.64
N GLN A 238 29.44 11.15 14.10
CA GLN A 238 29.78 12.57 13.99
C GLN A 238 30.14 13.17 15.35
N GLY A 239 30.37 12.35 16.37
CA GLY A 239 30.70 12.83 17.69
C GLY A 239 29.50 13.07 18.60
N GLN A 240 28.28 12.88 18.11
CA GLN A 240 27.07 13.10 18.89
C GLN A 240 26.73 11.78 19.59
N VAL A 241 27.14 11.65 20.85
CA VAL A 241 26.98 10.41 21.60
C VAL A 241 25.52 10.13 21.96
N SER A 242 24.66 11.14 21.91
CA SER A 242 23.23 10.90 22.09
C SER A 242 22.66 9.92 21.06
N GLY A 243 23.39 9.68 19.96
CA GLY A 243 22.96 8.68 19.00
C GLY A 243 22.92 7.29 19.59
N LYS A 244 23.73 7.03 20.63
CA LYS A 244 23.66 5.75 21.31
C LYS A 244 22.28 5.52 21.91
N ASP A 245 21.70 6.56 22.54
CA ASP A 245 20.36 6.44 23.09
C ASP A 245 19.35 6.13 21.99
N ASP A 246 19.49 6.78 20.83
CA ASP A 246 18.60 6.49 19.70
C ASP A 246 18.70 5.03 19.28
N MET A 247 19.91 4.49 19.23
CA MET A 247 20.10 3.11 18.78
C MET A 247 19.54 2.12 19.78
N ARG A 248 19.72 2.38 21.08
CA ARG A 248 19.15 1.49 22.09
C ARG A 248 17.63 1.54 22.07
N GLN A 249 17.06 2.71 21.79
CA GLN A 249 15.60 2.84 21.78
C GLN A 249 14.99 2.05 20.63
N ALA A 250 15.63 2.07 19.45
CA ALA A 250 15.12 1.29 18.33
C ALA A 250 15.20 -0.20 18.62
N LEU A 251 16.26 -0.63 19.30
CA LEU A 251 16.36 -2.03 19.69
C LEU A 251 15.26 -2.41 20.68
N GLN A 252 14.91 -1.50 21.59
CA GLN A 252 13.82 -1.76 22.52
C GLN A 252 12.48 -1.87 21.79
N ILE A 253 12.30 -1.08 20.73
CA ILE A 253 11.08 -1.18 19.93
C ILE A 253 10.98 -2.56 19.30
N PHE A 254 12.07 -3.04 18.70
CA PHE A 254 12.10 -4.39 18.16
C PHE A 254 11.78 -5.43 19.23
N LYS A 255 12.37 -5.27 20.42
CA LYS A 255 12.16 -6.26 21.47
C LYS A 255 10.72 -6.24 21.98
N TYR A 256 10.15 -5.04 22.16
CA TYR A 256 8.78 -4.96 22.66
C TYR A 256 7.76 -5.53 21.69
N LEU A 257 8.03 -5.42 20.39
CA LEU A 257 7.11 -5.90 19.37
C LEU A 257 7.31 -7.37 19.01
N GLY A 258 8.24 -8.06 19.69
CA GLY A 258 8.48 -9.45 19.38
C GLY A 258 9.17 -9.70 18.06
N GLU A 259 9.88 -8.69 17.54
CA GLU A 259 10.60 -8.83 16.27
C GLU A 259 12.00 -9.35 16.57
N ASP A 260 12.07 -10.66 16.81
CA ASP A 260 13.34 -11.27 17.24
C ASP A 260 14.40 -11.20 16.14
N ALA A 261 14.02 -11.50 14.90
CA ALA A 261 14.98 -11.47 13.81
C ALA A 261 15.57 -10.08 13.63
N LEU A 262 14.76 -9.04 13.79
CA LEU A 262 15.28 -7.68 13.68
C LEU A 262 16.04 -7.26 14.93
N TYR A 263 15.56 -7.66 16.11
CA TYR A 263 16.23 -7.29 17.35
C TYR A 263 17.65 -7.82 17.39
N TYR A 264 17.83 -9.12 17.15
CA TYR A 264 19.16 -9.71 17.22
C TYR A 264 20.05 -9.22 16.08
N SER A 265 19.48 -8.98 14.90
CA SER A 265 20.29 -8.51 13.78
C SER A 265 20.83 -7.11 14.02
N TYR A 266 20.00 -6.24 14.60
CA TYR A 266 20.47 -4.90 14.93
C TYR A 266 21.28 -4.88 16.22
N LYS A 267 20.99 -5.80 17.15
CA LYS A 267 21.82 -5.92 18.34
C LYS A 267 23.25 -6.30 17.96
N GLU A 268 23.40 -7.29 17.08
CA GLU A 268 24.72 -7.71 16.64
C GLU A 268 25.51 -6.55 16.03
N HIS A 269 24.85 -5.73 15.22
CA HIS A 269 25.52 -4.55 14.67
C HIS A 269 25.89 -3.56 15.76
N TYR A 270 25.05 -3.44 16.80
CA TYR A 270 25.33 -2.51 17.88
C TYR A 270 26.50 -2.98 18.73
N ARG A 271 26.58 -4.28 19.00
CA ARG A 271 27.66 -4.79 19.85
C ARG A 271 29.02 -4.73 19.17
N LYS A 272 29.06 -4.69 17.84
CA LYS A 272 30.33 -4.63 17.12
C LYS A 272 30.82 -3.20 16.92
N GLU A 273 29.99 -2.34 16.36
CA GLU A 273 30.40 -1.01 15.95
C GLU A 273 30.18 0.05 17.04
N VAL A 274 29.73 -0.33 18.23
CA VAL A 274 29.56 0.62 19.31
C VAL A 274 30.26 0.11 20.57
N LYS B 3 -8.30 10.68 -23.80
CA LYS B 3 -8.19 12.10 -24.08
C LYS B 3 -6.76 12.58 -23.87
N GLU B 4 -6.26 12.42 -22.65
CA GLU B 4 -4.87 12.71 -22.33
C GLU B 4 -4.11 11.46 -21.89
N LEU B 5 -4.78 10.30 -21.83
CA LEU B 5 -4.09 9.07 -21.46
C LEU B 5 -2.97 8.74 -22.44
N GLY B 6 -3.18 9.06 -23.72
CA GLY B 6 -2.16 8.77 -24.72
C GLY B 6 -0.87 9.54 -24.47
N LYS B 7 -0.98 10.82 -24.10
CA LYS B 7 0.20 11.62 -23.81
C LYS B 7 0.99 11.03 -22.63
N THR B 8 0.27 10.57 -21.61
CA THR B 8 0.96 9.93 -20.49
C THR B 8 1.67 8.66 -20.92
N LEU B 9 1.03 7.86 -21.77
CA LEU B 9 1.66 6.63 -22.26
C LEU B 9 2.92 6.94 -23.06
N ARG B 10 2.85 7.93 -23.95
CA ARG B 10 4.01 8.25 -24.78
C ARG B 10 5.19 8.69 -23.94
N ARG B 11 4.95 9.54 -22.95
CA ARG B 11 6.04 10.03 -22.11
C ARG B 11 6.72 8.91 -21.36
N LEU B 12 5.94 8.00 -20.77
CA LEU B 12 6.54 6.89 -20.03
C LEU B 12 7.20 5.89 -20.97
N ARG B 13 6.58 5.63 -22.13
CA ARG B 13 7.16 4.72 -23.10
C ARG B 13 8.51 5.24 -23.59
N GLN B 14 8.56 6.52 -23.96
CA GLN B 14 9.81 7.09 -24.47
C GLN B 14 10.89 7.13 -23.39
N GLY B 15 10.49 7.39 -22.14
CA GLY B 15 11.45 7.38 -21.04
C GLY B 15 12.10 6.05 -20.80
N LYS B 16 11.45 4.96 -21.21
CA LYS B 16 12.02 3.62 -21.12
C LYS B 16 12.77 3.23 -22.39
N GLN B 17 12.79 4.10 -23.40
CA GLN B 17 13.44 3.83 -24.69
C GLN B 17 12.88 2.55 -25.32
N VAL B 18 11.55 2.49 -25.42
CA VAL B 18 10.84 1.37 -26.02
C VAL B 18 10.16 1.89 -27.28
N SER B 19 10.52 1.33 -28.43
CA SER B 19 9.93 1.75 -29.69
C SER B 19 8.51 1.22 -29.82
N ILE B 20 7.70 1.94 -30.59
CA ILE B 20 6.34 1.48 -30.88
C ILE B 20 6.38 0.19 -31.69
N SER B 21 7.35 0.08 -32.60
CA SER B 21 7.44 -1.12 -33.44
C SER B 21 7.72 -2.37 -32.62
N SER B 22 8.47 -2.23 -31.52
CA SER B 22 8.74 -3.39 -30.66
C SER B 22 7.52 -3.79 -29.84
N LEU B 23 6.57 -2.87 -29.65
CA LEU B 23 5.36 -3.17 -28.89
C LEU B 23 4.27 -3.79 -29.74
N ALA B 24 4.32 -3.64 -31.06
CA ALA B 24 3.26 -4.12 -31.92
C ALA B 24 3.29 -5.64 -32.03
N ASP B 25 2.11 -6.23 -32.22
CA ASP B 25 2.00 -7.66 -32.49
C ASP B 25 0.79 -7.96 -33.36
N GLU B 26 0.24 -9.17 -33.25
CA GLU B 26 -0.82 -9.60 -34.16
C GLU B 26 -2.12 -8.82 -33.94
N HIS B 27 -2.41 -8.44 -32.70
CA HIS B 27 -3.67 -7.76 -32.38
C HIS B 27 -3.45 -6.34 -31.87
N LEU B 28 -2.25 -5.79 -32.05
CA LEU B 28 -1.97 -4.42 -31.64
C LEU B 28 -1.00 -3.82 -32.65
N SER B 29 -1.51 -2.95 -33.51
CA SER B 29 -0.70 -2.37 -34.59
C SER B 29 0.00 -1.11 -34.13
N LYS B 30 1.00 -0.69 -34.90
CA LYS B 30 1.69 0.56 -34.61
C LYS B 30 0.77 1.76 -34.78
N SER B 31 -0.17 1.69 -35.74
CA SER B 31 -1.11 2.78 -35.92
C SER B 31 -2.04 2.93 -34.72
N GLN B 32 -2.47 1.80 -34.15
CA GLN B 32 -3.36 1.87 -32.98
C GLN B 32 -2.66 2.50 -31.80
N ILE B 33 -1.37 2.22 -31.61
CA ILE B 33 -0.62 2.82 -30.51
C ILE B 33 -0.37 4.31 -30.80
N SER B 34 -0.02 4.64 -32.04
CA SER B 34 0.33 6.02 -32.38
C SER B 34 -0.89 6.92 -32.31
N ARG B 35 -2.01 6.50 -32.90
CA ARG B 35 -3.23 7.30 -32.83
C ARG B 35 -3.70 7.49 -31.40
N PHE B 36 -3.50 6.49 -30.54
CA PHE B 36 -3.82 6.65 -29.14
C PHE B 36 -2.89 7.66 -28.46
N GLU B 37 -1.58 7.52 -28.69
CA GLU B 37 -0.63 8.45 -28.08
C GLU B 37 -0.85 9.87 -28.58
N ARG B 38 -1.26 10.03 -29.83
CA ARG B 38 -1.51 11.35 -30.41
C ARG B 38 -2.88 11.90 -30.05
N GLY B 39 -3.69 11.16 -29.29
CA GLY B 39 -5.01 11.65 -28.93
C GLY B 39 -6.00 11.69 -30.07
N GLU B 40 -5.71 10.99 -31.18
CA GLU B 40 -6.61 10.97 -32.32
C GLU B 40 -7.62 9.84 -32.25
N SER B 41 -7.39 8.85 -31.40
CA SER B 41 -8.30 7.71 -31.30
C SER B 41 -8.15 7.09 -29.93
N GLU B 42 -9.25 6.53 -29.43
CA GLU B 42 -9.19 5.76 -28.21
C GLU B 42 -8.54 4.40 -28.47
N ILE B 43 -8.31 3.65 -27.40
CA ILE B 43 -7.77 2.30 -27.49
C ILE B 43 -8.55 1.43 -26.53
N SER B 44 -8.72 0.15 -26.89
CA SER B 44 -9.46 -0.76 -26.05
C SER B 44 -8.72 -0.99 -24.73
N SER B 45 -9.49 -1.20 -23.66
CA SER B 45 -8.89 -1.37 -22.34
C SER B 45 -7.95 -2.57 -22.32
N SER B 46 -8.31 -3.65 -23.02
CA SER B 46 -7.45 -4.82 -23.07
C SER B 46 -6.13 -4.52 -23.78
N ARG B 47 -6.16 -3.64 -24.78
CA ARG B 47 -4.92 -3.28 -25.47
C ARG B 47 -4.04 -2.38 -24.61
N LEU B 48 -4.65 -1.45 -23.87
CA LEU B 48 -3.87 -0.62 -22.94
C LEU B 48 -3.22 -1.47 -21.86
N LEU B 49 -3.99 -2.38 -21.26
CA LEU B 49 -3.43 -3.27 -20.26
C LEU B 49 -2.31 -4.13 -20.83
N ASN B 50 -2.43 -4.52 -22.11
CA ASN B 50 -1.35 -5.23 -22.77
C ASN B 50 -0.12 -4.34 -22.93
N LEU B 51 -0.32 -3.08 -23.33
CA LEU B 51 0.79 -2.14 -23.46
C LEU B 51 1.47 -1.89 -22.12
N LEU B 52 0.67 -1.62 -21.08
CA LEU B 52 1.24 -1.36 -19.76
C LEU B 52 1.98 -2.57 -19.23
N ASP B 53 1.51 -3.78 -19.54
CA ASP B 53 2.20 -4.99 -19.13
C ASP B 53 3.55 -5.11 -19.81
N LYS B 54 3.59 -4.90 -21.13
CA LYS B 54 4.86 -4.95 -21.85
C LYS B 54 5.83 -3.87 -21.36
N LEU B 55 5.32 -2.73 -20.93
CA LEU B 55 6.14 -1.63 -20.43
C LEU B 55 6.40 -1.71 -18.94
N ASN B 56 5.85 -2.72 -18.26
CA ASN B 56 6.05 -2.92 -16.82
C ASN B 56 5.62 -1.68 -16.04
N ILE B 57 4.43 -1.18 -16.37
CA ILE B 57 3.78 -0.09 -15.66
C ILE B 57 2.48 -0.63 -15.10
N THR B 58 2.29 -0.52 -13.79
CA THR B 58 1.01 -0.87 -13.21
C THR B 58 -0.03 0.15 -13.61
N ILE B 59 -1.26 -0.32 -13.81
CA ILE B 59 -2.36 0.58 -14.18
C ILE B 59 -2.57 1.62 -13.08
N ASP B 60 -2.22 1.29 -11.83
CA ASP B 60 -2.29 2.27 -10.75
C ASP B 60 -1.29 3.40 -10.97
N GLU B 61 -0.04 3.05 -11.34
CA GLU B 61 0.94 4.08 -11.62
C GLU B 61 0.56 4.88 -12.85
N PHE B 62 -0.05 4.22 -13.85
CA PHE B 62 -0.43 4.91 -15.08
C PHE B 62 -1.49 5.96 -14.82
N VAL B 63 -2.56 5.60 -14.13
CA VAL B 63 -3.67 6.53 -13.94
C VAL B 63 -3.28 7.63 -12.96
N SER B 64 -2.51 7.30 -11.93
CA SER B 64 -2.09 8.32 -10.96
C SER B 64 -1.15 9.33 -11.61
N THR B 65 -0.38 8.92 -12.61
CA THR B 65 0.44 9.87 -13.37
C THR B 65 -0.43 10.78 -14.22
N HIS B 66 -1.52 10.23 -14.79
CA HIS B 66 -2.40 11.04 -15.62
C HIS B 66 -3.18 12.04 -14.79
N SER B 67 -3.77 11.59 -13.68
CA SER B 67 -4.65 12.45 -12.90
C SER B 67 -4.93 11.79 -11.56
N LYS B 68 -5.21 12.63 -10.58
CA LYS B 68 -5.63 12.19 -9.26
C LYS B 68 -7.15 12.15 -9.13
N THR B 69 -7.89 12.24 -10.23
CA THR B 69 -9.34 12.38 -10.22
C THR B 69 -10.08 11.14 -10.72
N HIS B 70 -9.46 9.97 -10.58
CA HIS B 70 -10.01 8.79 -11.25
C HIS B 70 -10.87 7.92 -10.33
N THR B 71 -10.93 8.22 -9.03
CA THR B 71 -11.76 7.47 -8.09
C THR B 71 -12.49 8.47 -7.21
N HIS B 72 -13.77 8.70 -7.49
CA HIS B 72 -14.51 9.74 -6.79
C HIS B 72 -14.68 9.41 -5.31
N PHE B 73 -14.68 8.13 -4.94
CA PHE B 73 -14.80 7.78 -3.53
C PHE B 73 -13.53 8.18 -2.76
N PHE B 74 -12.36 7.92 -3.33
CA PHE B 74 -11.13 8.34 -2.67
C PHE B 74 -11.02 9.86 -2.61
N THR B 75 -11.44 10.54 -3.68
CA THR B 75 -11.46 11.99 -3.66
C THR B 75 -12.36 12.51 -2.54
N LEU B 76 -13.53 11.89 -2.37
CA LEU B 76 -14.42 12.27 -1.27
C LEU B 76 -13.73 12.10 0.08
N LEU B 77 -12.95 11.02 0.24
CA LEU B 77 -12.26 10.79 1.50
C LEU B 77 -11.21 11.86 1.77
N SER B 78 -10.49 12.28 0.73
CA SER B 78 -9.47 13.31 0.92
C SER B 78 -10.10 14.67 1.21
N ARG B 79 -11.21 14.99 0.55
CA ARG B 79 -11.92 16.24 0.84
C ARG B 79 -12.44 16.25 2.27
N VAL B 80 -13.03 15.13 2.70
CA VAL B 80 -13.49 15.02 4.08
C VAL B 80 -12.31 15.10 5.05
N ARG B 81 -11.20 14.45 4.70
CA ARG B 81 -9.99 14.56 5.51
C ARG B 81 -9.51 16.00 5.61
N LYS B 82 -9.62 16.76 4.52
CA LYS B 82 -9.18 18.15 4.53
C LYS B 82 -10.11 19.02 5.36
N TYR B 83 -11.43 18.93 5.11
CA TYR B 83 -12.38 19.77 5.83
C TYR B 83 -12.45 19.40 7.30
N TYR B 84 -12.21 18.14 7.65
CA TYR B 84 -12.21 17.74 9.05
C TYR B 84 -11.04 18.33 9.80
N ALA B 85 -9.86 18.37 9.17
CA ALA B 85 -8.71 19.01 9.79
C ALA B 85 -8.94 20.50 9.98
N GLU B 86 -9.51 21.16 8.96
CA GLU B 86 -9.87 22.56 9.06
C GLU B 86 -11.04 22.81 9.99
N LYS B 87 -11.68 21.76 10.51
CA LYS B 87 -12.94 21.88 11.26
C LYS B 87 -13.97 22.67 10.45
N ASN B 88 -13.88 22.56 9.13
CA ASN B 88 -14.73 23.31 8.20
C ASN B 88 -16.10 22.65 8.17
N VAL B 89 -16.93 23.03 9.13
CA VAL B 89 -18.29 22.52 9.19
C VAL B 89 -19.04 22.84 7.90
N ALA B 90 -19.06 24.12 7.52
CA ALA B 90 -19.82 24.57 6.35
C ALA B 90 -19.52 23.74 5.11
N LYS B 91 -18.23 23.50 4.84
CA LYS B 91 -17.87 22.77 3.63
C LYS B 91 -18.23 21.30 3.72
N LEU B 92 -18.25 20.74 4.94
CA LEU B 92 -18.67 19.35 5.10
C LEU B 92 -20.17 19.19 4.82
N LEU B 93 -20.98 20.16 5.27
CA LEU B 93 -22.41 20.12 4.96
C LEU B 93 -22.66 20.35 3.48
N LYS B 94 -21.83 21.15 2.81
CA LYS B 94 -21.94 21.30 1.37
C LYS B 94 -21.65 19.98 0.67
N LEU B 95 -20.61 19.26 1.10
CA LEU B 95 -20.33 17.95 0.56
C LEU B 95 -21.49 16.99 0.81
N LEU B 96 -22.17 17.14 1.94
CA LEU B 96 -23.34 16.31 2.21
C LEU B 96 -24.45 16.58 1.21
N GLU B 97 -24.59 17.83 0.77
CA GLU B 97 -25.59 18.15 -0.24
C GLU B 97 -25.20 17.60 -1.60
N ASP B 98 -23.90 17.51 -1.89
CA ASP B 98 -23.45 16.91 -3.14
C ASP B 98 -23.76 15.42 -3.19
N TYR B 99 -23.74 14.74 -2.04
CA TYR B 99 -23.96 13.31 -1.97
C TYR B 99 -25.32 12.97 -1.36
N ALA B 100 -26.31 13.84 -1.56
CA ALA B 100 -27.65 13.57 -1.05
C ALA B 100 -28.30 12.41 -1.79
N HIS B 101 -27.91 12.17 -3.03
CA HIS B 101 -28.44 11.06 -3.82
C HIS B 101 -27.69 9.76 -3.60
N LYS B 102 -26.62 9.78 -2.81
CA LYS B 102 -25.81 8.60 -2.51
C LYS B 102 -26.00 8.28 -1.03
N ASP B 103 -26.81 7.25 -0.76
CA ASP B 103 -27.26 6.99 0.61
C ASP B 103 -26.08 6.64 1.53
N TYR B 104 -25.26 5.67 1.12
CA TYR B 104 -24.17 5.22 1.99
C TYR B 104 -23.16 6.35 2.23
N GLU B 105 -22.84 7.11 1.19
CA GLU B 105 -21.86 8.18 1.34
C GLU B 105 -22.38 9.29 2.25
N SER B 106 -23.65 9.65 2.12
CA SER B 106 -24.23 10.68 2.98
C SER B 106 -24.31 10.22 4.43
N THR B 107 -24.61 8.93 4.64
CA THR B 107 -24.59 8.38 6.00
C THR B 107 -23.19 8.49 6.60
N MET B 108 -22.16 8.15 5.82
CA MET B 108 -20.79 8.23 6.31
C MET B 108 -20.38 9.66 6.61
N ILE B 109 -20.76 10.60 5.74
CA ILE B 109 -20.44 12.01 5.98
C ILE B 109 -21.09 12.49 7.27
N LYS B 110 -22.35 12.13 7.50
CA LYS B 110 -23.04 12.56 8.71
C LYS B 110 -22.44 11.93 9.95
N ALA B 111 -21.94 10.69 9.83
CA ALA B 111 -21.29 10.05 10.98
C ALA B 111 -19.99 10.75 11.34
N ILE B 112 -19.19 11.11 10.33
CA ILE B 112 -17.95 11.82 10.59
C ILE B 112 -18.26 13.24 11.10
N LEU B 113 -19.30 13.86 10.55
CA LEU B 113 -19.65 15.22 10.94
C LEU B 113 -20.06 15.32 12.40
N SER B 114 -20.57 14.22 12.97
CA SER B 114 -21.13 14.29 14.32
C SER B 114 -20.06 14.48 15.39
N SER B 115 -18.82 14.07 15.12
CA SER B 115 -17.76 14.22 16.11
C SER B 115 -17.39 15.67 16.37
N ILE B 116 -17.67 16.56 15.43
CA ILE B 116 -17.41 17.98 15.62
C ILE B 116 -18.68 18.83 15.62
N GLU B 117 -19.83 18.24 15.30
CA GLU B 117 -21.11 18.96 15.33
C GLU B 117 -22.20 17.96 15.69
N PRO B 118 -22.59 17.88 16.96
CA PRO B 118 -23.66 16.95 17.34
C PRO B 118 -25.02 17.28 16.75
N THR B 119 -25.19 18.46 16.16
CA THR B 119 -26.43 18.77 15.47
C THR B 119 -26.72 17.77 14.36
N VAL B 120 -25.69 17.37 13.62
CA VAL B 120 -25.82 16.44 12.51
C VAL B 120 -25.54 15.03 13.00
N GLU B 121 -26.42 14.09 12.63
CA GLU B 121 -26.30 12.70 13.04
C GLU B 121 -27.01 11.83 12.02
N PRO B 122 -26.45 10.67 11.67
CA PRO B 122 -27.20 9.74 10.80
C PRO B 122 -28.27 9.02 11.59
N SER B 123 -29.44 8.89 10.98
CA SER B 123 -30.57 8.25 11.63
C SER B 123 -30.35 6.74 11.70
N GLU B 124 -31.17 6.09 12.54
CA GLU B 124 -31.07 4.64 12.68
C GLU B 124 -31.52 3.92 11.42
N GLU B 125 -32.47 4.49 10.67
CA GLU B 125 -32.86 3.90 9.39
C GLU B 125 -31.73 4.00 8.38
N GLU B 126 -30.98 5.11 8.40
CA GLU B 126 -29.84 5.24 7.50
C GLU B 126 -28.74 4.25 7.86
N VAL B 127 -28.45 4.10 9.16
CA VAL B 127 -27.40 3.17 9.59
C VAL B 127 -27.82 1.74 9.28
N THR B 128 -29.09 1.41 9.49
CA THR B 128 -29.56 0.05 9.24
C THR B 128 -29.47 -0.29 7.75
N ARG B 129 -29.79 0.67 6.88
CA ARG B 129 -29.63 0.45 5.44
C ARG B 129 -28.18 0.15 5.10
N LEU B 130 -27.25 0.85 5.75
CA LEU B 130 -25.83 0.60 5.50
C LEU B 130 -25.41 -0.78 5.99
N THR B 131 -25.80 -1.13 7.22
CA THR B 131 -25.43 -2.44 7.77
C THR B 131 -26.07 -3.57 6.97
N ASP B 132 -27.31 -3.37 6.52
CA ASP B 132 -27.94 -4.35 5.64
C ASP B 132 -27.13 -4.55 4.37
N TYR B 133 -26.60 -3.46 3.81
CA TYR B 133 -25.74 -3.57 2.64
C TYR B 133 -24.47 -4.35 2.97
N LEU B 134 -23.83 -4.02 4.10
CA LEU B 134 -22.57 -4.67 4.46
C LEU B 134 -22.78 -6.16 4.77
N PHE B 135 -23.96 -6.53 5.28
CA PHE B 135 -24.23 -7.94 5.51
C PHE B 135 -24.44 -8.70 4.20
N SER B 136 -25.01 -8.05 3.19
CA SER B 136 -25.24 -8.67 1.90
C SER B 136 -23.98 -8.73 1.04
N VAL B 137 -22.92 -8.02 1.42
CA VAL B 137 -21.67 -8.05 0.68
C VAL B 137 -20.89 -9.30 1.09
N GLU B 138 -20.32 -10.00 0.10
CA GLU B 138 -19.50 -11.17 0.38
C GLU B 138 -18.02 -10.98 0.05
N GLN B 139 -17.68 -9.97 -0.75
CA GLN B 139 -16.29 -9.57 -0.94
C GLN B 139 -16.14 -8.15 -0.42
N TRP B 140 -15.61 -8.02 0.80
CA TRP B 140 -15.40 -6.73 1.41
C TRP B 140 -14.24 -6.01 0.71
N GLY B 141 -14.53 -4.84 0.14
CA GLY B 141 -13.53 -4.03 -0.50
C GLY B 141 -13.22 -2.76 0.28
N TYR B 142 -12.33 -1.96 -0.31
CA TYR B 142 -11.93 -0.69 0.27
C TYR B 142 -13.15 0.16 0.61
N TYR B 143 -14.10 0.23 -0.32
CA TYR B 143 -15.37 0.92 -0.10
C TYR B 143 -16.07 0.45 1.18
N GLU B 144 -16.27 -0.86 1.29
CA GLU B 144 -17.01 -1.40 2.44
C GLU B 144 -16.25 -1.21 3.74
N ILE B 145 -14.93 -1.39 3.71
CA ILE B 145 -14.14 -1.27 4.94
C ILE B 145 -14.19 0.17 5.46
N ILE B 146 -14.06 1.14 4.56
CA ILE B 146 -14.07 2.54 4.99
C ILE B 146 -15.44 2.93 5.53
N LEU B 147 -16.51 2.48 4.87
CA LEU B 147 -17.86 2.79 5.33
C LEU B 147 -18.09 2.27 6.74
N LEU B 148 -17.66 1.04 7.02
CA LEU B 148 -17.83 0.48 8.35
C LEU B 148 -17.01 1.24 9.39
N GLY B 149 -15.75 1.53 9.06
CA GLY B 149 -14.87 2.18 10.03
C GLY B 149 -15.35 3.57 10.42
N ASN B 150 -15.81 4.35 9.44
CA ASN B 150 -16.22 5.72 9.70
C ASN B 150 -17.65 5.82 10.26
N CYS B 151 -18.39 4.71 10.29
CA CYS B 151 -19.73 4.69 10.84
C CYS B 151 -19.86 3.82 12.08
N SER B 152 -18.78 3.20 12.53
CA SER B 152 -18.86 2.23 13.63
C SER B 152 -19.41 2.81 14.91
N ARG B 153 -19.38 4.14 15.08
CA ARG B 153 -19.90 4.72 16.30
C ARG B 153 -21.41 4.71 16.38
N PHE B 154 -22.11 4.62 15.25
CA PHE B 154 -23.57 4.55 15.23
C PHE B 154 -24.09 3.13 15.01
N ILE B 155 -23.24 2.12 15.16
CA ILE B 155 -23.63 0.72 15.01
C ILE B 155 -23.58 0.06 16.38
N ASN B 156 -24.65 -0.65 16.74
CA ASN B 156 -24.67 -1.37 18.01
C ASN B 156 -23.58 -2.43 18.01
N TYR B 157 -23.09 -2.76 19.21
CA TYR B 157 -21.91 -3.61 19.33
C TYR B 157 -22.14 -4.98 18.71
N ASN B 158 -23.35 -5.54 18.87
CA ASN B 158 -23.62 -6.87 18.34
C ASN B 158 -23.50 -6.89 16.82
N THR B 159 -24.10 -5.90 16.14
CA THR B 159 -23.99 -5.83 14.70
C THR B 159 -22.57 -5.49 14.27
N LEU B 160 -21.90 -4.61 15.01
CA LEU B 160 -20.53 -4.23 14.67
C LEU B 160 -19.60 -5.43 14.74
N PHE B 161 -19.74 -6.26 15.77
CA PHE B 161 -18.91 -7.45 15.88
C PHE B 161 -19.24 -8.47 14.78
N LEU B 162 -20.52 -8.63 14.46
CA LEU B 162 -20.90 -9.53 13.38
C LEU B 162 -20.35 -9.06 12.05
N LEU B 163 -20.44 -7.75 11.77
CA LEU B 163 -19.87 -7.21 10.55
C LEU B 163 -18.36 -7.37 10.52
N THR B 164 -17.71 -7.14 11.66
CA THR B 164 -16.25 -7.27 11.73
C THR B 164 -15.81 -8.69 11.42
N LYS B 165 -16.51 -9.68 11.99
CA LYS B 165 -16.15 -11.08 11.75
C LYS B 165 -16.31 -11.44 10.28
N GLU B 166 -17.37 -10.94 9.65
CA GLU B 166 -17.58 -11.23 8.23
C GLU B 166 -16.55 -10.50 7.37
N MET B 167 -16.20 -9.27 7.74
CA MET B 167 -15.14 -8.55 7.02
C MET B 167 -13.82 -9.30 7.10
N VAL B 168 -13.45 -9.76 8.29
CA VAL B 168 -12.21 -10.50 8.47
C VAL B 168 -12.26 -11.81 7.67
N THR B 169 -13.39 -12.51 7.74
CA THR B 169 -13.53 -13.77 7.00
C THR B 169 -13.47 -13.52 5.50
N SER B 170 -14.20 -12.50 5.02
CA SER B 170 -14.18 -12.18 3.60
C SER B 170 -12.78 -11.83 3.13
N PHE B 171 -12.02 -11.10 3.95
CA PHE B 171 -10.67 -10.74 3.54
C PHE B 171 -9.76 -11.96 3.48
N ALA B 172 -9.96 -12.92 4.38
CA ALA B 172 -9.08 -14.09 4.42
C ALA B 172 -9.15 -14.89 3.12
N TYR B 173 -10.29 -14.89 2.45
CA TYR B 173 -10.47 -15.60 1.20
C TYR B 173 -10.20 -14.74 -0.03
N SER B 174 -9.77 -13.49 0.16
CA SER B 174 -9.57 -12.56 -0.95
C SER B 174 -8.15 -12.67 -1.48
N GLU B 175 -7.83 -11.82 -2.46
CA GLU B 175 -6.49 -11.72 -3.02
C GLU B 175 -5.51 -11.02 -2.08
N GLN B 176 -5.97 -10.61 -0.89
CA GLN B 176 -5.12 -10.04 0.15
C GLN B 176 -4.49 -8.71 -0.30
N ASN B 177 -5.35 -7.77 -0.67
CA ASN B 177 -4.89 -6.42 -0.93
C ASN B 177 -4.25 -5.84 0.32
N LYS B 178 -3.02 -5.35 0.19
CA LYS B 178 -2.24 -4.95 1.36
C LYS B 178 -2.80 -3.71 2.02
N THR B 179 -3.24 -2.72 1.23
CA THR B 179 -3.86 -1.53 1.81
C THR B 179 -5.15 -1.89 2.54
N ASN B 180 -5.95 -2.80 1.98
CA ASN B 180 -7.16 -3.24 2.66
C ASN B 180 -6.84 -4.05 3.91
N LYS B 181 -5.78 -4.88 3.86
CA LYS B 181 -5.35 -5.63 5.03
C LYS B 181 -5.10 -4.72 6.21
N THR B 182 -4.35 -3.63 5.99
CA THR B 182 -4.07 -2.68 7.04
C THR B 182 -5.35 -2.12 7.64
N LEU B 183 -6.31 -1.74 6.79
CA LEU B 183 -7.57 -1.20 7.28
C LEU B 183 -8.38 -2.27 8.02
N VAL B 184 -8.39 -3.49 7.50
CA VAL B 184 -9.09 -4.58 8.19
C VAL B 184 -8.44 -4.84 9.55
N THR B 185 -7.12 -4.75 9.62
CA THR B 185 -6.43 -4.94 10.90
C THR B 185 -6.80 -3.85 11.89
N GLN B 186 -6.88 -2.60 11.43
CA GLN B 186 -7.18 -1.49 12.33
C GLN B 186 -8.60 -1.57 12.86
N LEU B 187 -9.55 -1.95 11.99
CA LEU B 187 -10.94 -2.06 12.45
C LEU B 187 -11.12 -3.23 13.42
N SER B 188 -10.38 -4.32 13.23
CA SER B 188 -10.46 -5.44 14.15
C SER B 188 -9.94 -5.05 15.53
N ILE B 189 -8.90 -4.22 15.57
CA ILE B 189 -8.37 -3.74 16.85
C ILE B 189 -9.37 -2.79 17.50
N ASN B 190 -10.05 -1.96 16.70
CA ASN B 190 -11.05 -1.06 17.26
C ASN B 190 -12.23 -1.84 17.84
N CYS B 191 -12.60 -2.94 17.19
CA CYS B 191 -13.65 -3.80 17.76
C CYS B 191 -13.15 -4.57 18.97
N LEU B 192 -11.85 -4.88 19.01
CA LEU B 192 -11.29 -5.54 20.19
C LEU B 192 -11.33 -4.62 21.41
N ILE B 193 -11.01 -3.35 21.22
CA ILE B 193 -11.07 -2.37 22.32
C ILE B 193 -12.46 -2.36 22.94
N ILE B 194 -13.49 -2.27 22.10
CA ILE B 194 -14.85 -2.19 22.59
C ILE B 194 -15.27 -3.49 23.27
N SER B 195 -14.77 -4.63 22.79
CA SER B 195 -15.09 -5.91 23.43
C SER B 195 -14.49 -5.99 24.82
N ILE B 196 -13.28 -5.47 25.00
CA ILE B 196 -12.65 -5.48 26.32
C ILE B 196 -13.36 -4.54 27.27
N ASP B 197 -13.73 -3.34 26.81
CA ASP B 197 -14.40 -2.38 27.67
C ASP B 197 -15.77 -2.90 28.10
N TYR B 198 -16.47 -3.58 27.20
CA TYR B 198 -17.79 -4.12 27.50
C TYR B 198 -17.73 -5.52 28.12
N SER B 199 -16.53 -6.05 28.35
CA SER B 199 -16.32 -7.34 29.02
C SER B 199 -16.87 -8.51 28.21
N TYR B 200 -16.82 -8.43 26.89
CA TYR B 200 -17.16 -9.57 26.03
C TYR B 200 -15.88 -10.33 25.70
N PHE B 201 -15.34 -10.99 26.73
CA PHE B 201 -14.05 -11.65 26.62
C PHE B 201 -14.05 -12.83 25.66
N ASP B 202 -15.22 -13.40 25.38
CA ASP B 202 -15.31 -14.40 24.31
C ASP B 202 -15.04 -13.75 22.96
N HIS B 203 -15.65 -12.58 22.72
CA HIS B 203 -15.39 -11.86 21.49
C HIS B 203 -13.96 -11.33 21.45
N SER B 204 -13.42 -10.92 22.61
CA SER B 204 -12.07 -10.42 22.68
C SER B 204 -11.06 -11.49 22.27
N HIS B 205 -11.18 -12.69 22.85
CA HIS B 205 -10.27 -13.77 22.53
C HIS B 205 -10.34 -14.14 21.06
N TYR B 206 -11.53 -14.06 20.46
CA TYR B 206 -11.68 -14.34 19.05
C TYR B 206 -10.95 -13.30 18.20
N LEU B 207 -11.17 -12.02 18.51
CA LEU B 207 -10.53 -10.95 17.74
C LEU B 207 -9.01 -10.96 17.91
N ILE B 208 -8.52 -11.36 19.08
CA ILE B 208 -7.08 -11.43 19.30
C ILE B 208 -6.44 -12.42 18.34
N GLU B 209 -7.06 -13.59 18.19
CA GLU B 209 -6.50 -14.62 17.31
C GLU B 209 -6.53 -14.20 15.85
N LYS B 210 -7.54 -13.45 15.44
CA LYS B 210 -7.61 -12.98 14.05
C LYS B 210 -6.59 -11.85 13.82
N ILE B 211 -6.42 -10.96 14.79
CA ILE B 211 -5.45 -9.88 14.65
C ILE B 211 -4.03 -10.44 14.56
N GLU B 212 -3.73 -11.44 15.39
CA GLU B 212 -2.42 -12.08 15.30
C GLU B 212 -2.20 -12.72 13.94
N PHE B 213 -3.24 -13.34 13.38
CA PHE B 213 -3.14 -13.90 12.03
C PHE B 213 -2.90 -12.80 11.00
N LEU B 214 -3.56 -11.65 11.16
CA LEU B 214 -3.42 -10.58 10.19
C LEU B 214 -2.06 -9.90 10.29
N LEU B 215 -1.43 -9.93 11.46
CA LEU B 215 -0.13 -9.30 11.65
C LEU B 215 1.04 -10.21 11.31
N ARG B 216 0.80 -11.51 11.15
CA ARG B 216 1.88 -12.46 10.90
C ARG B 216 2.49 -12.23 9.53
N ASP B 217 3.83 -12.29 9.48
CA ASP B 217 4.60 -12.13 8.24
C ASP B 217 4.33 -10.78 7.58
N GLU B 218 4.06 -9.76 8.39
CA GLU B 218 3.88 -8.40 7.91
C GLU B 218 4.77 -7.48 8.74
N LEU B 219 5.06 -6.31 8.17
CA LEU B 219 5.69 -5.26 8.96
C LEU B 219 4.62 -4.65 9.86
N ASN B 220 4.00 -3.56 9.41
CA ASN B 220 2.86 -2.95 10.08
C ASN B 220 3.13 -2.74 11.57
N PHE B 221 4.24 -2.07 11.86
CA PHE B 221 4.64 -1.85 13.26
C PHE B 221 3.67 -0.95 14.01
N TYR B 222 2.92 -0.09 13.31
CA TYR B 222 1.94 0.74 14.00
C TYR B 222 0.79 -0.10 14.55
N GLU B 223 0.25 -0.99 13.72
CA GLU B 223 -0.84 -1.86 14.20
C GLU B 223 -0.36 -2.80 15.30
N LYS B 224 0.90 -3.27 15.19
CA LYS B 224 1.45 -4.10 16.25
C LYS B 224 1.62 -3.30 17.54
N THR B 225 2.00 -2.02 17.44
CA THR B 225 2.15 -1.20 18.63
C THR B 225 0.80 -0.96 19.29
N VAL B 226 -0.23 -0.64 18.49
CA VAL B 226 -1.57 -0.48 19.04
C VAL B 226 -2.07 -1.80 19.62
N PHE B 227 -1.80 -2.90 18.92
CA PHE B 227 -2.23 -4.20 19.41
C PHE B 227 -1.54 -4.56 20.72
N LEU B 228 -0.25 -4.22 20.85
CA LEU B 228 0.45 -4.45 22.11
C LEU B 228 -0.26 -3.76 23.26
N TYR B 229 -0.68 -2.51 23.05
CA TYR B 229 -1.40 -1.78 24.08
C TYR B 229 -2.77 -2.40 24.34
N VAL B 230 -3.51 -2.71 23.28
CA VAL B 230 -4.87 -3.21 23.45
C VAL B 230 -4.86 -4.62 24.02
N HIS B 231 -3.95 -5.48 23.54
CA HIS B 231 -3.86 -6.83 24.09
C HIS B 231 -3.40 -6.79 25.55
N GLY B 232 -2.45 -5.90 25.87
CA GLY B 232 -2.06 -5.74 27.26
C GLY B 232 -3.20 -5.22 28.11
N TYR B 233 -4.03 -4.34 27.55
CA TYR B 233 -5.22 -3.89 28.24
C TYR B 233 -6.19 -5.04 28.51
N TYR B 234 -6.29 -5.96 27.55
CA TYR B 234 -7.12 -7.16 27.75
C TYR B 234 -6.57 -8.03 28.86
N LYS B 235 -5.25 -8.20 28.91
CA LYS B 235 -4.65 -9.03 29.95
C LYS B 235 -4.75 -8.37 31.33
N LEU B 236 -4.74 -7.04 31.38
CA LEU B 236 -4.89 -6.35 32.66
C LEU B 236 -6.28 -6.58 33.24
N LYS B 237 -7.31 -6.55 32.40
CA LYS B 237 -8.67 -6.82 32.84
C LYS B 237 -8.94 -8.31 33.05
N GLN B 238 -8.07 -9.19 32.56
CA GLN B 238 -8.19 -10.62 32.77
C GLN B 238 -7.45 -11.10 34.01
N GLY B 239 -6.79 -10.20 34.75
CA GLY B 239 -6.07 -10.54 35.96
C GLY B 239 -4.56 -10.50 35.81
N GLN B 240 -4.04 -10.70 34.60
CA GLN B 240 -2.60 -10.71 34.39
C GLN B 240 -2.04 -9.29 34.49
N VAL B 241 -1.20 -9.06 35.51
CA VAL B 241 -0.58 -7.76 35.68
C VAL B 241 0.48 -7.48 34.63
N SER B 242 0.91 -8.50 33.87
CA SER B 242 1.91 -8.29 32.85
C SER B 242 1.38 -7.41 31.71
N GLY B 243 0.06 -7.38 31.51
CA GLY B 243 -0.50 -6.51 30.50
C GLY B 243 -0.23 -5.04 30.77
N LYS B 244 -0.02 -4.68 32.03
CA LYS B 244 0.37 -3.31 32.37
C LYS B 244 1.74 -2.99 31.79
N ASP B 245 2.65 -3.95 31.79
CA ASP B 245 3.96 -3.74 31.17
C ASP B 245 3.82 -3.59 29.66
N ASP B 246 2.93 -4.37 29.05
CA ASP B 246 2.71 -4.25 27.61
C ASP B 246 2.22 -2.86 27.23
N MET B 247 1.29 -2.31 28.01
CA MET B 247 0.77 -0.98 27.72
C MET B 247 1.85 0.08 27.88
N ARG B 248 2.72 -0.08 28.88
CA ARG B 248 3.80 0.88 29.08
C ARG B 248 4.82 0.80 27.94
N GLN B 249 5.09 -0.41 27.45
CA GLN B 249 6.02 -0.56 26.33
C GLN B 249 5.45 0.09 25.07
N ALA B 250 4.14 -0.01 24.86
CA ALA B 250 3.52 0.63 23.70
C ALA B 250 3.64 2.15 23.80
N LEU B 251 3.53 2.70 25.02
CA LEU B 251 3.71 4.13 25.21
C LEU B 251 5.14 4.54 24.90
N GLN B 252 6.12 3.72 25.29
CA GLN B 252 7.52 4.05 25.02
C GLN B 252 7.79 4.05 23.52
N ILE B 253 7.13 3.16 22.77
CA ILE B 253 7.32 3.12 21.32
C ILE B 253 6.85 4.43 20.69
N PHE B 254 5.65 4.89 21.07
CA PHE B 254 5.18 6.19 20.59
C PHE B 254 6.14 7.30 20.98
N LYS B 255 6.71 7.22 22.18
CA LYS B 255 7.61 8.26 22.65
C LYS B 255 8.93 8.25 21.89
N TYR B 256 9.51 7.06 21.70
CA TYR B 256 10.82 6.97 21.04
C TYR B 256 10.74 7.40 19.58
N LEU B 257 9.60 7.19 18.93
CA LEU B 257 9.43 7.53 17.52
C LEU B 257 8.95 8.96 17.30
N GLY B 258 8.81 9.75 18.35
CA GLY B 258 8.33 11.11 18.19
C GLY B 258 6.86 11.22 17.85
N GLU B 259 6.07 10.19 18.13
CA GLU B 259 4.63 10.21 17.87
C GLU B 259 3.91 10.79 19.07
N ASP B 260 4.07 12.10 19.24
CA ASP B 260 3.59 12.78 20.45
C ASP B 260 2.07 12.73 20.55
N ALA B 261 1.37 12.89 19.42
CA ALA B 261 -0.09 12.86 19.45
C ALA B 261 -0.59 11.51 19.91
N LEU B 262 -0.03 10.42 19.36
CA LEU B 262 -0.43 9.09 19.79
C LEU B 262 0.01 8.80 21.22
N TYR B 263 1.19 9.30 21.60
CA TYR B 263 1.67 9.08 22.96
C TYR B 263 0.74 9.69 23.99
N TYR B 264 0.42 10.98 23.83
CA TYR B 264 -0.43 11.65 24.81
C TYR B 264 -1.87 11.17 24.72
N SER B 265 -2.31 10.71 23.55
CA SER B 265 -3.67 10.19 23.44
C SER B 265 -3.82 8.88 24.20
N TYR B 266 -2.85 7.99 24.09
CA TYR B 266 -2.91 6.72 24.81
C TYR B 266 -2.51 6.87 26.26
N LYS B 267 -1.71 7.88 26.60
CA LYS B 267 -1.29 8.08 27.98
C LYS B 267 -2.46 8.41 28.89
N GLU B 268 -3.35 9.30 28.45
CA GLU B 268 -4.51 9.66 29.27
C GLU B 268 -5.50 8.50 29.36
N HIS B 269 -5.56 7.66 28.32
CA HIS B 269 -6.37 6.44 28.43
C HIS B 269 -5.76 5.49 29.46
N TYR B 270 -4.43 5.43 29.51
CA TYR B 270 -3.76 4.61 30.52
C TYR B 270 -3.99 5.15 31.92
N ARG B 271 -4.09 6.47 32.06
CA ARG B 271 -4.33 7.07 33.37
C ARG B 271 -5.79 6.96 33.83
N LYS B 272 -6.74 6.80 32.90
CA LYS B 272 -8.15 6.80 33.24
C LYS B 272 -8.66 5.39 33.52
N GLU B 273 -8.51 4.47 32.55
CA GLU B 273 -9.11 3.15 32.69
C GLU B 273 -8.22 2.14 33.40
N VAL B 274 -6.91 2.31 33.38
CA VAL B 274 -6.02 1.39 34.07
C VAL B 274 -5.72 1.88 35.49
N LEU B 275 -5.41 3.17 35.63
CA LEU B 275 -5.09 3.73 36.94
C LEU B 275 -6.34 4.26 37.65
S DMS C . -11.95 -6.58 -3.61
O DMS C . -10.66 -5.88 -3.29
C1 DMS C . -13.06 -5.44 -4.47
C2 DMS C . -11.66 -7.80 -4.93
S DMS D . 24.87 16.19 -2.90
O DMS D . 23.43 15.95 -3.26
C1 DMS D . 25.18 15.55 -1.24
C2 DMS D . 25.93 15.09 -3.87
C1 GOL E . 2.92 -2.71 -6.28
O1 GOL E . 2.14 -3.49 -5.41
C2 GOL E . 2.04 -1.69 -6.99
O2 GOL E . 0.92 -1.42 -6.18
C3 GOL E . 2.82 -0.40 -7.22
O3 GOL E . 2.07 0.48 -8.01
S DMS F . 0.79 0.41 8.07
O DMS F . 1.27 0.72 9.45
C1 DMS F . -0.28 1.75 7.48
C2 DMS F . 2.17 0.59 6.90
S DMS G . 5.18 8.52 -31.43
O DMS G . 3.87 8.93 -30.82
C1 DMS G . 4.97 8.38 -33.23
C2 DMS G . 6.34 9.90 -31.34
S DMS H . 10.44 -2.33 -19.61
O DMS H . 10.54 -0.97 -19.00
C1 DMS H . 9.73 -2.21 -21.27
C2 DMS H . 12.11 -2.90 -20.06
#